data_4IHL
#
_entry.id   4IHL
#
_cell.length_a   72.280
_cell.length_b   103.400
_cell.length_c   112.580
_cell.angle_alpha   90.000
_cell.angle_beta   90.000
_cell.angle_gamma   90.000
#
_symmetry.space_group_name_H-M   'P 21 21 21'
#
loop_
_entity.id
_entity.type
_entity.pdbx_description
1 polymer '14-3-3 protein zeta/delta'
2 polymer 'RAF proto-oncogene serine/threonine-protein kinase'
3 non-polymer 'POTASSIUM ION'
4 non-polymer '(1R,3aS,4R,5R,6R,9aR,10E)-6-({(1S,2R,4S,5R,6R,8S,9S)-5-hydroxy-2-(methoxymethyl)-9-methyl-9-[(2S)-oxiran-2-yl]-3,7,10,1 1-tetraoxatricyclo[6.2.1.0~1,6~]undec-4-yl}oxy)-1-(methoxymethyl)-4,9a-dimethyl-7-(propan-2-yl)-1,2,3,3a,4,5,6,8,9,9a-de cahydrodicyclopenta[a,d][8]annulene-1,5-diol'
5 water water
#
loop_
_entity_poly.entity_id
_entity_poly.type
_entity_poly.pdbx_seq_one_letter_code
_entity_poly.pdbx_strand_id
1 'polypeptide(L)'
;GAMGSMDKNELVQKAKLAEQAERYDDMAACMKSVTEQGAELSNEERNLLSVAYKNVVGARRSSWRVVSSIEQKTEGAEKK
QQMAREYREKIETELRDICNDVLSLLEKFLIPNASQAESKVFYLKMKGDYYRYLAEVAAGDDKKGIVDQSQQAYQEAFEI
SKKEMQPTHPIRLGLALNFSVFYYEILNSPEKACSLAKTAFDEAIAELDTLSEESYKDSTLIMQLLRDNLTLWTS
;
A,B
2 'polypeptide(L)' QHRY(SEP)TPHAFTFNTSSPSSEGSLSQRQRST(SEP)TPNVH P
#
loop_
_chem_comp.id
_chem_comp.type
_chem_comp.name
_chem_comp.formula
1F5 non-polymer '(1R,3aS,4R,5R,6R,9aR,10E)-6-({(1S,2R,4S,5R,6R,8S,9S)-5-hydroxy-2-(methoxymethyl)-9-methyl-9-[(2S)-oxiran-2-yl]-3,7,10,1 1-tetraoxatricyclo[6.2.1.0~1,6~]undec-4-yl}oxy)-1-(methoxymethyl)-4,9a-dimethyl-7-(propan-2-yl)-1,2,3,3a,4,5,6,8,9,9a-de cahydrodicyclopenta[a,d][8]annulene-1,5-diol' 'C33 H50 O11'
K non-polymer 'POTASSIUM ION' 'K 1'
#
# COMPACT_ATOMS: atom_id res chain seq x y z
N MET A 6 -20.63 0.32 -23.86
CA MET A 6 -21.25 -0.12 -22.56
C MET A 6 -20.35 -1.06 -21.76
N ASP A 7 -19.81 -2.09 -22.42
CA ASP A 7 -18.73 -2.93 -21.90
C ASP A 7 -17.51 -2.07 -21.44
N LYS A 8 -16.99 -1.23 -22.32
CA LYS A 8 -15.87 -0.36 -21.98
C LYS A 8 -16.26 0.55 -20.83
N ASN A 9 -17.50 1.03 -20.84
CA ASN A 9 -17.93 1.93 -19.79
CA ASN A 9 -17.98 1.93 -19.79
C ASN A 9 -18.00 1.23 -18.42
N GLU A 10 -18.24 -0.07 -18.45
CA GLU A 10 -18.25 -0.87 -17.25
C GLU A 10 -16.84 -1.01 -16.72
N LEU A 11 -15.91 -1.35 -17.63
CA LEU A 11 -14.50 -1.52 -17.31
C LEU A 11 -13.92 -0.27 -16.67
N VAL A 12 -14.30 0.88 -17.21
CA VAL A 12 -13.93 2.14 -16.66
C VAL A 12 -14.53 2.39 -15.27
N GLN A 13 -15.81 2.04 -15.09
CA GLN A 13 -16.45 2.19 -13.79
C GLN A 13 -15.77 1.28 -12.76
N LYS A 14 -15.46 0.06 -13.15
CA LYS A 14 -14.70 -0.82 -12.27
C LYS A 14 -13.31 -0.23 -11.87
N ALA A 15 -12.67 0.47 -12.81
CA ALA A 15 -11.34 0.97 -12.60
C ALA A 15 -11.48 2.05 -11.56
N LYS A 16 -12.53 2.85 -11.67
CA LYS A 16 -12.69 3.93 -10.71
C LYS A 16 -12.99 3.38 -9.30
N LEU A 17 -13.74 2.29 -9.25
CA LEU A 17 -14.06 1.58 -8.03
C LEU A 17 -12.78 1.02 -7.39
N ALA A 18 -12.03 0.22 -8.15
CA ALA A 18 -10.68 -0.25 -7.79
C ALA A 18 -9.80 0.91 -7.26
N GLU A 19 -9.79 2.05 -7.95
CA GLU A 19 -9.02 3.20 -7.51
CA GLU A 19 -8.99 3.21 -7.49
C GLU A 19 -9.44 3.66 -6.12
N GLN A 20 -10.76 3.73 -5.91
CA GLN A 20 -11.22 4.23 -4.62
C GLN A 20 -10.89 3.23 -3.50
N ALA A 21 -10.91 1.93 -3.80
CA ALA A 21 -10.61 0.88 -2.82
C ALA A 21 -9.08 0.63 -2.69
N GLU A 22 -8.30 1.48 -3.38
CA GLU A 22 -6.82 1.36 -3.46
C GLU A 22 -6.32 -0.01 -3.92
N ARG A 23 -7.02 -0.59 -4.89
CA ARG A 23 -6.64 -1.86 -5.46
C ARG A 23 -6.11 -1.62 -6.86
N TYR A 24 -4.80 -1.34 -6.93
CA TYR A 24 -4.23 -0.76 -8.15
C TYR A 24 -3.93 -1.79 -9.18
N ASP A 25 -3.68 -3.03 -8.75
CA ASP A 25 -3.59 -4.15 -9.70
C ASP A 25 -4.93 -4.35 -10.45
N ASP A 26 -6.05 -4.32 -9.72
CA ASP A 26 -7.35 -4.41 -10.35
C ASP A 26 -7.54 -3.20 -11.29
N MET A 27 -7.18 -2.00 -10.83
CA MET A 27 -7.40 -0.79 -11.65
C MET A 27 -6.60 -0.85 -12.94
N ALA A 28 -5.37 -1.33 -12.84
CA ALA A 28 -4.55 -1.44 -14.01
C ALA A 28 -5.06 -2.53 -14.97
N ALA A 29 -5.60 -3.63 -14.42
CA ALA A 29 -6.14 -4.75 -15.25
C ALA A 29 -7.34 -4.29 -16.07
N CYS A 30 -8.21 -3.52 -15.42
CA CYS A 30 -9.37 -2.93 -16.06
C CYS A 30 -8.96 -1.99 -17.22
N MET A 31 -8.01 -1.09 -16.95
CA MET A 31 -7.62 -0.09 -17.95
C MET A 31 -6.82 -0.68 -19.09
N LYS A 32 -6.09 -1.74 -18.79
CA LYS A 32 -5.39 -2.48 -19.83
C LYS A 32 -6.40 -3.15 -20.78
N SER A 33 -7.48 -3.68 -20.22
CA SER A 33 -8.55 -4.25 -21.04
C SER A 33 -9.20 -3.18 -21.92
N VAL A 34 -9.54 -2.03 -21.34
CA VAL A 34 -10.01 -0.89 -22.12
C VAL A 34 -9.04 -0.63 -23.26
N THR A 35 -7.74 -0.54 -22.96
CA THR A 35 -6.71 -0.23 -23.95
C THR A 35 -6.73 -1.30 -25.08
N GLU A 36 -6.82 -2.57 -24.72
N GLU A 36 -6.80 -2.57 -24.68
CA GLU A 36 -6.76 -3.66 -25.70
CA GLU A 36 -6.85 -3.71 -25.60
C GLU A 36 -8.00 -3.79 -26.63
C GLU A 36 -7.91 -3.58 -26.70
N GLN A 37 -9.05 -3.02 -26.34
CA GLN A 37 -10.18 -2.92 -27.25
C GLN A 37 -9.86 -2.07 -28.49
N GLY A 38 -8.67 -1.49 -28.54
CA GLY A 38 -8.14 -0.96 -29.78
C GLY A 38 -8.50 0.48 -30.11
N ALA A 39 -9.44 1.08 -29.37
CA ALA A 39 -9.88 2.44 -29.64
C ALA A 39 -9.01 3.42 -28.85
N GLU A 40 -8.92 4.65 -29.36
CA GLU A 40 -8.25 5.75 -28.70
C GLU A 40 -8.90 6.07 -27.35
N LEU A 41 -8.05 6.20 -26.34
CA LEU A 41 -8.54 6.51 -24.99
C LEU A 41 -8.98 7.94 -24.88
N SER A 42 -10.02 8.21 -24.09
CA SER A 42 -10.35 9.59 -23.74
C SER A 42 -9.29 10.15 -22.81
N ASN A 43 -9.32 11.46 -22.54
CA ASN A 43 -8.46 12.04 -21.53
C ASN A 43 -8.54 11.28 -20.17
N GLU A 44 -9.75 11.05 -19.71
CA GLU A 44 -9.94 10.45 -18.38
CA GLU A 44 -10.00 10.40 -18.40
C GLU A 44 -9.39 9.01 -18.36
N GLU A 45 -9.63 8.27 -19.42
CA GLU A 45 -9.15 6.92 -19.50
C GLU A 45 -7.64 6.81 -19.49
N ARG A 46 -6.97 7.64 -20.28
CA ARG A 46 -5.52 7.59 -20.28
C ARG A 46 -4.98 8.12 -18.95
N ASN A 47 -5.63 9.10 -18.34
CA ASN A 47 -5.23 9.51 -17.02
C ASN A 47 -5.36 8.34 -16.04
N LEU A 48 -6.43 7.54 -16.18
CA LEU A 48 -6.64 6.41 -15.24
C LEU A 48 -5.63 5.31 -15.48
N LEU A 49 -5.37 5.02 -16.74
CA LEU A 49 -4.40 4.03 -17.09
C LEU A 49 -3.03 4.39 -16.49
N SER A 50 -2.66 5.66 -16.59
CA SER A 50 -1.33 6.04 -16.12
C SER A 50 -1.27 6.11 -14.57
N VAL A 51 -2.32 6.59 -13.92
CA VAL A 51 -2.39 6.53 -12.46
C VAL A 51 -2.25 5.07 -11.98
N ALA A 52 -2.99 4.15 -12.60
CA ALA A 52 -3.00 2.76 -12.13
C ALA A 52 -1.61 2.15 -12.24
N TYR A 53 -1.03 2.19 -13.44
CA TYR A 53 0.29 1.61 -13.64
C TYR A 53 1.40 2.31 -12.85
N LYS A 54 1.29 3.62 -12.68
CA LYS A 54 2.33 4.32 -11.94
C LYS A 54 2.34 3.85 -10.47
N ASN A 55 1.17 3.57 -9.92
CA ASN A 55 1.07 3.02 -8.54
C ASN A 55 1.64 1.60 -8.41
N VAL A 56 1.29 0.73 -9.36
CA VAL A 56 1.81 -0.64 -9.47
C VAL A 56 3.37 -0.75 -9.62
N VAL A 57 3.95 0.00 -10.53
CA VAL A 57 5.39 0.02 -10.70
C VAL A 57 6.01 0.74 -9.53
N GLY A 58 5.27 1.71 -8.98
CA GLY A 58 5.80 2.60 -7.94
C GLY A 58 6.08 1.87 -6.66
N ALA A 59 5.25 0.87 -6.37
CA ALA A 59 5.44 0.05 -5.20
C ALA A 59 6.75 -0.76 -5.31
N ARG A 60 7.08 -1.30 -6.48
CA ARG A 60 8.36 -2.02 -6.66
C ARG A 60 9.54 -1.05 -6.56
N ARG A 61 9.44 0.13 -7.20
CA ARG A 61 10.55 1.06 -7.16
C ARG A 61 10.82 1.41 -5.70
N SER A 62 9.76 1.66 -4.96
CA SER A 62 9.93 2.02 -3.60
C SER A 62 10.53 0.84 -2.81
N SER A 63 10.07 -0.38 -3.09
CA SER A 63 10.64 -1.54 -2.46
C SER A 63 12.11 -1.75 -2.84
N TRP A 64 12.44 -1.46 -4.09
CA TRP A 64 13.77 -1.68 -4.61
C TRP A 64 14.77 -0.76 -3.90
N ARG A 65 14.38 0.48 -3.64
CA ARG A 65 15.25 1.44 -2.97
CA ARG A 65 15.28 1.42 -2.98
C ARG A 65 15.46 1.10 -1.50
N VAL A 66 14.41 0.59 -0.85
CA VAL A 66 14.54 0.17 0.53
C VAL A 66 15.53 -1.01 0.58
N VAL A 67 15.35 -1.98 -0.31
CA VAL A 67 16.16 -3.18 -0.23
C VAL A 67 17.63 -2.91 -0.59
N SER A 68 17.87 -2.01 -1.55
CA SER A 68 19.22 -1.59 -1.95
C SER A 68 19.92 -0.91 -0.78
N SER A 69 19.25 0.04 -0.17
CA SER A 69 19.82 0.72 0.96
C SER A 69 20.21 -0.29 2.06
N ILE A 70 19.39 -1.32 2.30
CA ILE A 70 19.74 -2.37 3.27
C ILE A 70 20.92 -3.24 2.79
N GLU A 71 20.96 -3.54 1.50
CA GLU A 71 22.04 -4.33 0.97
C GLU A 71 23.40 -3.59 1.07
N GLN A 72 23.40 -2.27 0.93
CA GLN A 72 24.62 -1.51 1.07
C GLN A 72 25.07 -1.44 2.53
N LYS A 73 24.17 -1.09 3.43
CA LYS A 73 24.47 -0.88 4.85
C LYS A 73 24.68 -2.19 5.66
N THR A 74 24.68 -3.32 4.97
CA THR A 74 24.98 -4.60 5.59
C THR A 74 26.20 -5.22 4.86
N GLU A 75 27.11 -4.33 4.45
CA GLU A 75 28.36 -4.70 3.75
C GLU A 75 29.18 -5.82 4.44
N GLY A 76 29.38 -5.68 5.75
CA GLY A 76 30.21 -6.66 6.49
C GLY A 76 29.61 -8.00 6.88
N ALA A 77 28.29 -8.13 6.72
CA ALA A 77 27.56 -9.33 7.17
C ALA A 77 27.07 -10.17 5.98
N GLU A 78 27.94 -11.10 5.54
CA GLU A 78 27.77 -11.87 4.29
C GLU A 78 26.37 -12.45 4.05
N LYS A 79 25.81 -13.09 5.09
CA LYS A 79 24.48 -13.72 5.00
C LYS A 79 23.36 -12.68 4.80
N LYS A 80 23.31 -11.66 5.66
CA LYS A 80 22.32 -10.60 5.57
C LYS A 80 22.36 -9.93 4.19
N GLN A 81 23.57 -9.59 3.73
CA GLN A 81 23.73 -8.88 2.47
C GLN A 81 23.38 -9.74 1.26
N GLN A 82 23.62 -11.05 1.30
CA GLN A 82 23.22 -11.89 0.15
C GLN A 82 21.71 -12.04 0.06
N MET A 83 21.04 -12.10 1.21
CA MET A 83 19.59 -12.27 1.22
C MET A 83 18.94 -11.04 0.58
N ALA A 84 19.47 -9.86 0.92
CA ALA A 84 19.07 -8.62 0.32
C ALA A 84 19.25 -8.58 -1.21
N ARG A 85 20.43 -9.04 -1.70
CA ARG A 85 20.73 -9.05 -3.12
CA ARG A 85 20.75 -9.13 -3.15
C ARG A 85 19.67 -9.86 -3.90
N GLU A 86 19.27 -11.01 -3.37
CA GLU A 86 18.31 -11.86 -4.07
C GLU A 86 16.86 -11.39 -3.81
N TYR A 87 16.64 -10.60 -2.77
CA TYR A 87 15.30 -10.11 -2.62
C TYR A 87 15.18 -9.00 -3.64
N ARG A 88 16.21 -8.14 -3.69
CA ARG A 88 16.30 -7.08 -4.69
C ARG A 88 16.08 -7.64 -6.08
N GLU A 89 16.76 -8.74 -6.38
CA GLU A 89 16.65 -9.28 -7.74
C GLU A 89 15.23 -9.76 -8.09
N LYS A 90 14.54 -10.29 -7.08
CA LYS A 90 13.15 -10.73 -7.23
C LYS A 90 12.18 -9.53 -7.49
N ILE A 91 12.38 -8.44 -6.75
CA ILE A 91 11.65 -7.20 -6.96
C ILE A 91 11.88 -6.63 -8.39
N GLU A 92 13.15 -6.59 -8.82
CA GLU A 92 13.56 -6.13 -10.14
C GLU A 92 12.83 -6.88 -11.24
N THR A 93 12.66 -8.19 -11.04
CA THR A 93 11.88 -9.00 -11.98
C THR A 93 10.41 -8.61 -12.09
N GLU A 94 9.78 -8.26 -10.96
CA GLU A 94 8.39 -7.81 -11.04
C GLU A 94 8.39 -6.47 -11.73
N LEU A 95 9.38 -5.65 -11.41
CA LEU A 95 9.47 -4.32 -11.91
C LEU A 95 9.61 -4.32 -13.44
N ARG A 96 10.51 -5.13 -13.96
CA ARG A 96 10.70 -5.25 -15.41
C ARG A 96 9.45 -5.78 -16.11
N ASP A 97 8.78 -6.73 -15.51
CA ASP A 97 7.55 -7.26 -16.10
C ASP A 97 6.45 -6.21 -16.19
N ILE A 98 6.32 -5.40 -15.17
CA ILE A 98 5.34 -4.31 -15.21
C ILE A 98 5.75 -3.26 -16.26
N CYS A 99 7.02 -2.90 -16.30
CA CYS A 99 7.50 -1.97 -17.31
C CYS A 99 7.27 -2.52 -18.71
N ASN A 100 7.53 -3.82 -18.93
CA ASN A 100 7.36 -4.41 -20.26
C ASN A 100 5.92 -4.49 -20.67
N ASP A 101 5.05 -4.76 -19.70
CA ASP A 101 3.62 -4.79 -19.93
CA ASP A 101 3.61 -4.79 -19.94
C ASP A 101 3.15 -3.43 -20.49
N VAL A 102 3.52 -2.34 -19.80
CA VAL A 102 3.12 -0.98 -20.15
C VAL A 102 3.69 -0.56 -21.51
N LEU A 103 4.99 -0.81 -21.71
CA LEU A 103 5.73 -0.40 -22.92
C LEU A 103 5.16 -1.13 -24.11
N SER A 104 4.64 -2.31 -23.83
CA SER A 104 4.07 -3.13 -24.89
C SER A 104 2.67 -2.61 -25.25
N LEU A 105 1.90 -2.19 -24.25
CA LEU A 105 0.63 -1.53 -24.54
C LEU A 105 0.86 -0.25 -25.35
N LEU A 106 1.90 0.50 -25.00
CA LEU A 106 2.22 1.76 -25.66
C LEU A 106 2.59 1.57 -27.15
N GLU A 107 3.38 0.55 -27.44
CA GLU A 107 3.83 0.27 -28.81
C GLU A 107 2.74 -0.32 -29.68
N LYS A 108 1.92 -1.17 -29.09
CA LYS A 108 0.94 -1.95 -29.85
C LYS A 108 -0.37 -1.18 -30.04
N PHE A 109 -0.78 -0.37 -29.05
CA PHE A 109 -2.08 0.33 -29.17
C PHE A 109 -1.98 1.86 -29.07
N LEU A 110 -1.27 2.38 -28.05
CA LEU A 110 -1.43 3.78 -27.68
C LEU A 110 -0.78 4.77 -28.64
N ILE A 111 0.51 4.60 -28.89
CA ILE A 111 1.29 5.53 -29.67
C ILE A 111 0.90 5.52 -31.14
N PRO A 112 0.77 4.34 -31.75
CA PRO A 112 0.51 4.43 -33.18
C PRO A 112 -0.85 5.02 -33.53
N ASN A 113 -1.83 4.88 -32.63
CA ASN A 113 -3.16 5.40 -32.85
C ASN A 113 -3.40 6.79 -32.28
N ALA A 114 -2.40 7.39 -31.62
CA ALA A 114 -2.59 8.68 -31.02
C ALA A 114 -2.75 9.76 -32.11
N SER A 115 -3.97 10.28 -32.30
CA SER A 115 -4.21 11.22 -33.43
C SER A 115 -4.09 12.70 -33.11
N GLN A 116 -3.73 13.02 -31.87
CA GLN A 116 -3.52 14.43 -31.46
C GLN A 116 -2.12 14.62 -30.90
N ALA A 117 -1.52 15.79 -31.10
CA ALA A 117 -0.19 16.07 -30.57
C ALA A 117 -0.17 15.78 -29.07
N GLU A 118 -1.25 16.17 -28.39
CA GLU A 118 -1.38 16.12 -26.96
C GLU A 118 -1.29 14.66 -26.46
N SER A 119 -1.91 13.74 -27.19
CA SER A 119 -1.92 12.38 -26.71
C SER A 119 -0.69 11.67 -27.20
N LYS A 120 -0.20 12.01 -28.38
CA LYS A 120 1.17 11.56 -28.75
C LYS A 120 2.24 11.94 -27.67
N VAL A 121 2.24 13.18 -27.19
CA VAL A 121 3.22 13.57 -26.21
C VAL A 121 3.02 12.79 -24.88
N PHE A 122 1.76 12.67 -24.44
CA PHE A 122 1.38 11.88 -23.26
C PHE A 122 1.99 10.48 -23.30
N TYR A 123 1.79 9.77 -24.40
CA TYR A 123 2.20 8.39 -24.53
C TYR A 123 3.72 8.24 -24.71
N LEU A 124 4.35 9.19 -25.38
CA LEU A 124 5.81 9.18 -25.52
C LEU A 124 6.48 9.52 -24.18
N LYS A 125 5.89 10.42 -23.42
CA LYS A 125 6.37 10.71 -22.07
C LYS A 125 6.36 9.44 -21.26
N MET A 126 5.27 8.68 -21.37
CA MET A 126 5.08 7.45 -20.65
C MET A 126 6.15 6.45 -21.07
N LYS A 127 6.44 6.40 -22.36
CA LYS A 127 7.48 5.54 -22.88
C LYS A 127 8.85 5.95 -22.32
N GLY A 128 9.11 7.26 -22.24
CA GLY A 128 10.39 7.79 -21.71
C GLY A 128 10.47 7.41 -20.22
N ASP A 129 9.32 7.47 -19.54
CA ASP A 129 9.19 7.14 -18.12
C ASP A 129 9.49 5.66 -17.78
N TYR A 130 8.83 4.74 -18.47
CA TYR A 130 8.99 3.32 -18.16
C TYR A 130 10.37 2.78 -18.58
N TYR A 131 10.94 3.27 -19.68
CA TYR A 131 12.37 2.96 -19.94
C TYR A 131 13.26 3.57 -18.88
N ARG A 132 12.95 4.79 -18.40
CA ARG A 132 13.68 5.38 -17.28
C ARG A 132 13.64 4.43 -16.06
N TYR A 133 12.47 3.90 -15.73
CA TYR A 133 12.31 2.96 -14.62
C TYR A 133 13.12 1.67 -14.85
N LEU A 134 13.16 1.17 -16.07
CA LEU A 134 14.06 0.05 -16.37
C LEU A 134 15.55 0.46 -16.25
N ALA A 135 15.87 1.71 -16.56
CA ALA A 135 17.27 2.11 -16.56
C ALA A 135 17.72 2.22 -15.12
N GLU A 136 16.78 2.49 -14.22
CA GLU A 136 17.05 2.57 -12.79
C GLU A 136 17.64 1.28 -12.18
N VAL A 137 17.34 0.14 -12.79
CA VAL A 137 17.75 -1.17 -12.29
C VAL A 137 18.42 -2.02 -13.38
N ALA A 138 18.85 -1.41 -14.47
CA ALA A 138 19.56 -2.19 -15.49
C ALA A 138 21.07 -2.14 -15.20
N ALA A 139 21.81 -3.11 -15.74
CA ALA A 139 23.27 -3.09 -15.87
C ALA A 139 23.68 -4.10 -16.96
N GLY A 140 24.77 -3.87 -17.69
CA GLY A 140 25.54 -2.63 -17.71
C GLY A 140 25.61 -2.21 -19.17
N ASP A 141 25.52 -3.22 -20.05
CA ASP A 141 25.49 -3.04 -21.52
C ASP A 141 24.06 -3.17 -22.04
N ASP A 142 23.23 -3.89 -21.27
CA ASP A 142 21.79 -3.81 -21.39
C ASP A 142 21.33 -2.38 -21.08
N LYS A 143 21.86 -1.82 -20.01
CA LYS A 143 21.55 -0.47 -19.57
C LYS A 143 21.66 0.60 -20.67
N LYS A 144 22.65 0.44 -21.56
CA LYS A 144 22.99 1.46 -22.57
C LYS A 144 21.87 1.70 -23.59
N GLY A 145 21.33 0.61 -24.13
CA GLY A 145 20.25 0.67 -25.11
C GLY A 145 18.94 1.10 -24.46
N ILE A 146 18.73 0.69 -23.20
CA ILE A 146 17.55 1.11 -22.44
C ILE A 146 17.63 2.60 -22.17
N VAL A 147 18.79 3.10 -21.75
CA VAL A 147 18.94 4.54 -21.55
C VAL A 147 18.65 5.30 -22.86
N ASP A 148 19.09 4.72 -23.97
CA ASP A 148 18.89 5.32 -25.28
CA ASP A 148 18.88 5.33 -25.28
C ASP A 148 17.40 5.33 -25.68
N GLN A 149 16.70 4.24 -25.42
CA GLN A 149 15.26 4.16 -25.67
C GLN A 149 14.48 5.24 -24.91
N SER A 150 14.80 5.40 -23.62
CA SER A 150 14.19 6.43 -22.79
C SER A 150 14.46 7.82 -23.34
N GLN A 151 15.70 8.11 -23.68
CA GLN A 151 16.04 9.43 -24.21
C GLN A 151 15.39 9.80 -25.56
N GLN A 152 15.26 8.81 -26.45
CA GLN A 152 14.65 9.05 -27.75
C GLN A 152 13.16 9.38 -27.57
N ALA A 153 12.45 8.54 -26.79
CA ALA A 153 11.02 8.77 -26.52
C ALA A 153 10.87 10.15 -25.94
N TYR A 154 11.64 10.46 -24.89
CA TYR A 154 11.49 11.80 -24.30
C TYR A 154 11.79 12.90 -25.34
N GLN A 155 12.79 12.67 -26.21
CA GLN A 155 13.26 13.72 -27.14
C GLN A 155 12.18 14.01 -28.20
N GLU A 156 11.59 12.95 -28.73
CA GLU A 156 10.49 13.13 -29.65
CA GLU A 156 10.45 13.01 -29.63
C GLU A 156 9.31 13.85 -28.99
N ALA A 157 8.96 13.48 -27.76
CA ALA A 157 7.84 14.10 -27.07
C ALA A 157 8.16 15.56 -26.80
N PHE A 158 9.44 15.82 -26.50
CA PHE A 158 9.87 17.17 -26.20
C PHE A 158 9.68 18.05 -27.47
N GLU A 159 10.04 17.52 -28.61
CA GLU A 159 9.95 18.28 -29.87
C GLU A 159 8.49 18.57 -30.30
N ILE A 160 7.64 17.54 -30.29
CA ILE A 160 6.21 17.72 -30.52
C ILE A 160 5.62 18.74 -29.56
N SER A 161 5.85 18.60 -28.26
CA SER A 161 5.21 19.54 -27.36
C SER A 161 5.74 20.96 -27.55
N LYS A 162 7.04 21.10 -27.87
CA LYS A 162 7.60 22.45 -28.07
C LYS A 162 6.88 23.12 -29.23
N LYS A 163 6.65 22.35 -30.28
CA LYS A 163 5.96 22.78 -31.49
C LYS A 163 4.41 22.94 -31.40
N GLU A 164 3.72 22.10 -30.62
CA GLU A 164 2.25 22.00 -30.73
C GLU A 164 1.45 22.38 -29.51
N MET A 165 2.11 22.61 -28.38
CA MET A 165 1.41 22.78 -27.13
C MET A 165 1.85 24.07 -26.48
N GLN A 166 0.97 24.70 -25.72
CA GLN A 166 1.34 25.89 -24.96
C GLN A 166 2.35 25.56 -23.85
N PRO A 167 3.23 26.52 -23.49
CA PRO A 167 4.20 26.21 -22.44
C PRO A 167 3.59 25.88 -21.09
N THR A 168 2.33 26.26 -20.86
CA THR A 168 1.71 26.06 -19.55
C THR A 168 0.89 24.76 -19.48
N HIS A 169 0.82 24.04 -20.58
CA HIS A 169 0.11 22.78 -20.61
C HIS A 169 0.70 21.75 -19.64
N PRO A 170 -0.14 21.17 -18.74
CA PRO A 170 0.43 20.23 -17.75
C PRO A 170 1.25 19.10 -18.37
N ILE A 171 0.87 18.65 -19.55
CA ILE A 171 1.57 17.52 -20.16
C ILE A 171 2.94 17.99 -20.67
N ARG A 172 2.98 19.18 -21.22
CA ARG A 172 4.24 19.70 -21.71
C ARG A 172 5.18 19.96 -20.49
N LEU A 173 4.64 20.57 -19.44
CA LEU A 173 5.39 20.79 -18.20
C LEU A 173 5.84 19.50 -17.55
N GLY A 174 4.95 18.51 -17.54
CA GLY A 174 5.27 17.23 -16.92
C GLY A 174 6.36 16.50 -17.67
N LEU A 175 6.35 16.61 -19.00
CA LEU A 175 7.39 16.01 -19.79
C LEU A 175 8.75 16.69 -19.46
N ALA A 176 8.79 18.01 -19.45
CA ALA A 176 10.01 18.78 -19.09
C ALA A 176 10.51 18.33 -17.73
N LEU A 177 9.59 18.23 -16.78
CA LEU A 177 9.92 17.76 -15.42
C LEU A 177 10.62 16.43 -15.45
N ASN A 178 9.99 15.46 -16.10
CA ASN A 178 10.57 14.13 -16.12
C ASN A 178 11.86 14.02 -16.93
N PHE A 179 11.90 14.71 -18.07
CA PHE A 179 13.03 14.66 -18.95
C PHE A 179 14.22 15.29 -18.19
N SER A 180 13.98 16.38 -17.46
CA SER A 180 15.01 16.98 -16.62
C SER A 180 15.49 16.00 -15.55
N VAL A 181 14.56 15.26 -14.95
CA VAL A 181 14.93 14.21 -13.98
C VAL A 181 15.81 13.12 -14.63
N PHE A 182 15.43 12.69 -15.84
CA PHE A 182 16.24 11.72 -16.56
C PHE A 182 17.73 12.24 -16.78
N TYR A 183 17.90 13.51 -17.14
CA TYR A 183 19.25 14.03 -17.32
C TYR A 183 20.03 13.99 -16.00
N TYR A 184 19.44 14.53 -14.94
CA TYR A 184 20.05 14.53 -13.64
C TYR A 184 20.38 13.14 -13.16
N GLU A 185 19.38 12.24 -13.15
CA GLU A 185 19.52 10.97 -12.41
C GLU A 185 20.11 9.90 -13.25
N ILE A 186 19.81 9.90 -14.54
CA ILE A 186 20.18 8.74 -15.36
C ILE A 186 21.48 9.02 -16.13
N LEU A 187 21.67 10.27 -16.57
CA LEU A 187 22.84 10.61 -17.40
C LEU A 187 23.82 11.49 -16.64
N ASN A 188 23.57 11.67 -15.34
CA ASN A 188 24.39 12.48 -14.43
C ASN A 188 24.75 13.83 -15.02
N SER A 189 23.76 14.54 -15.58
CA SER A 189 23.99 15.83 -16.22
C SER A 189 23.22 16.96 -15.59
N PRO A 190 23.58 17.33 -14.34
CA PRO A 190 22.85 18.34 -13.54
C PRO A 190 22.63 19.67 -14.27
N GLU A 191 23.56 20.01 -15.15
CA GLU A 191 23.48 21.33 -15.77
C GLU A 191 22.46 21.33 -16.94
N LYS A 192 22.49 20.27 -17.72
CA LYS A 192 21.49 20.06 -18.71
C LYS A 192 20.09 19.97 -18.03
N ALA A 193 19.99 19.17 -16.96
CA ALA A 193 18.76 19.04 -16.16
C ALA A 193 18.25 20.40 -15.70
N CYS A 194 19.14 21.23 -15.15
CA CYS A 194 18.77 22.57 -14.68
C CYS A 194 18.35 23.46 -15.85
N SER A 195 19.05 23.32 -16.96
CA SER A 195 18.75 24.13 -18.12
C SER A 195 17.32 23.81 -18.64
N LEU A 196 17.04 22.53 -18.79
CA LEU A 196 15.73 22.05 -19.23
C LEU A 196 14.59 22.58 -18.35
N ALA A 197 14.74 22.39 -17.04
CA ALA A 197 13.73 22.80 -16.07
C ALA A 197 13.55 24.29 -15.94
N LYS A 198 14.68 25.01 -15.92
CA LYS A 198 14.63 26.49 -15.87
CA LYS A 198 14.66 26.46 -15.88
C LYS A 198 13.90 27.03 -17.08
N THR A 199 14.22 26.52 -18.27
CA THR A 199 13.55 27.00 -19.49
C THR A 199 12.03 26.76 -19.46
N ALA A 200 11.64 25.51 -19.16
CA ALA A 200 10.22 25.14 -19.04
C ALA A 200 9.51 26.03 -18.00
N PHE A 201 10.16 26.28 -16.86
CA PHE A 201 9.57 27.13 -15.83
C PHE A 201 9.35 28.56 -16.32
N ASP A 202 10.42 29.14 -16.90
CA ASP A 202 10.44 30.55 -17.37
C ASP A 202 9.51 30.75 -18.53
N GLU A 203 9.49 29.77 -19.45
CA GLU A 203 8.53 29.85 -20.56
C GLU A 203 7.06 29.78 -20.12
N ALA A 204 6.79 29.08 -19.02
CA ALA A 204 5.41 29.02 -18.49
C ALA A 204 5.05 30.31 -17.75
N ILE A 205 5.99 30.80 -16.93
CA ILE A 205 5.89 32.09 -16.25
C ILE A 205 5.58 33.22 -17.26
N ALA A 206 6.26 33.22 -18.40
CA ALA A 206 6.03 34.22 -19.49
C ALA A 206 4.60 34.20 -20.05
N GLU A 207 3.95 33.05 -20.00
CA GLU A 207 2.68 32.93 -20.68
C GLU A 207 1.57 32.53 -19.75
N LEU A 208 1.48 33.20 -18.60
CA LEU A 208 0.53 32.77 -17.59
C LEU A 208 -0.95 33.05 -17.94
N ASP A 209 -1.20 33.92 -18.93
CA ASP A 209 -2.57 34.15 -19.43
C ASP A 209 -3.15 32.95 -20.20
N THR A 210 -2.27 32.04 -20.63
CA THR A 210 -2.72 30.79 -21.28
C THR A 210 -3.28 29.69 -20.37
N LEU A 211 -3.27 29.89 -19.04
CA LEU A 211 -3.92 28.91 -18.14
C LEU A 211 -5.43 29.06 -18.22
N SER A 212 -6.12 27.92 -18.20
CA SER A 212 -7.56 27.89 -18.10
C SER A 212 -7.96 27.44 -16.70
N GLU A 213 -9.20 27.69 -16.32
CA GLU A 213 -9.73 27.24 -15.04
C GLU A 213 -9.50 25.73 -14.79
N GLU A 214 -9.63 24.92 -15.85
CA GLU A 214 -9.43 23.47 -15.76
C GLU A 214 -7.95 23.03 -15.63
N SER A 215 -7.02 23.76 -16.28
CA SER A 215 -5.60 23.37 -16.35
C SER A 215 -4.74 23.81 -15.16
N TYR A 216 -4.98 25.05 -14.70
CA TYR A 216 -4.04 25.79 -13.89
C TYR A 216 -3.52 25.08 -12.66
N LYS A 217 -4.37 24.34 -11.95
CA LYS A 217 -3.93 23.73 -10.68
CA LYS A 217 -3.96 23.72 -10.68
C LYS A 217 -2.86 22.68 -10.93
N ASP A 218 -3.03 21.89 -11.99
CA ASP A 218 -2.02 20.92 -12.43
C ASP A 218 -0.73 21.61 -12.91
N SER A 219 -0.87 22.65 -13.73
CA SER A 219 0.28 23.42 -14.26
C SER A 219 1.10 24.00 -13.16
N THR A 220 0.45 24.74 -12.26
CA THR A 220 1.15 25.47 -11.21
C THR A 220 1.77 24.52 -10.23
N LEU A 221 1.15 23.35 -10.03
CA LEU A 221 1.80 22.30 -9.24
C LEU A 221 3.09 21.86 -9.91
N ILE A 222 3.04 21.57 -11.20
CA ILE A 222 4.25 21.03 -11.88
C ILE A 222 5.38 22.11 -11.97
N MET A 223 5.02 23.37 -12.20
CA MET A 223 5.97 24.51 -12.11
C MET A 223 6.68 24.51 -10.78
N GLN A 224 5.90 24.36 -9.70
CA GLN A 224 6.51 24.39 -8.39
C GLN A 224 7.49 23.25 -8.27
N LEU A 225 7.15 22.10 -8.85
CA LEU A 225 8.04 20.96 -8.79
C LEU A 225 9.30 21.19 -9.61
N LEU A 226 9.14 21.81 -10.77
CA LEU A 226 10.29 22.18 -11.60
C LEU A 226 11.26 23.06 -10.80
N ARG A 227 10.75 24.09 -10.12
CA ARG A 227 11.60 24.97 -9.33
C ARG A 227 12.12 24.28 -8.06
N ASP A 228 11.33 23.39 -7.44
CA ASP A 228 11.88 22.60 -6.31
C ASP A 228 13.13 21.84 -6.79
N ASN A 229 13.08 21.21 -7.97
CA ASN A 229 14.24 20.47 -8.42
C ASN A 229 15.43 21.41 -8.67
N LEU A 230 15.17 22.58 -9.23
CA LEU A 230 16.22 23.56 -9.52
C LEU A 230 16.91 23.97 -8.24
N THR A 231 16.11 24.28 -7.23
CA THR A 231 16.62 24.61 -5.92
C THR A 231 17.50 23.49 -5.41
N LEU A 232 16.96 22.28 -5.39
CA LEU A 232 17.72 21.13 -4.90
C LEU A 232 19.03 20.97 -5.67
N TRP A 233 18.96 21.09 -6.99
CA TRP A 233 20.09 20.76 -7.83
C TRP A 233 21.20 21.83 -7.86
N THR A 234 20.87 23.05 -7.46
CA THR A 234 21.86 24.10 -7.29
C THR A 234 22.66 23.86 -5.99
N SER A 235 21.94 23.78 -4.87
CA SER A 235 22.54 23.53 -3.58
C SER A 235 22.27 22.09 -3.18
N MET B 6 19.93 -21.94 10.02
CA MET B 6 18.91 -22.92 9.52
C MET B 6 17.84 -22.22 8.69
N ASP B 7 16.93 -23.02 8.13
CA ASP B 7 15.82 -22.53 7.33
C ASP B 7 15.01 -21.45 8.09
N LYS B 8 14.52 -21.80 9.28
CA LYS B 8 13.72 -20.90 10.10
C LYS B 8 14.35 -19.51 10.29
N ASN B 9 15.63 -19.50 10.67
CA ASN B 9 16.34 -18.26 10.98
CA ASN B 9 16.36 -18.27 10.97
C ASN B 9 16.38 -17.28 9.80
N GLU B 10 16.39 -17.82 8.58
CA GLU B 10 16.47 -17.02 7.38
C GLU B 10 15.07 -16.71 6.78
N LEU B 11 14.08 -17.54 7.03
CA LEU B 11 12.71 -17.18 6.72
C LEU B 11 12.33 -15.95 7.55
N VAL B 12 12.76 -15.94 8.80
CA VAL B 12 12.51 -14.81 9.68
C VAL B 12 13.23 -13.55 9.20
N GLN B 13 14.49 -13.69 8.77
CA GLN B 13 15.24 -12.51 8.32
C GLN B 13 14.60 -11.93 7.06
N LYS B 14 14.20 -12.80 6.14
CA LYS B 14 13.42 -12.50 4.95
C LYS B 14 12.10 -11.80 5.26
N ALA B 15 11.37 -12.32 6.25
CA ALA B 15 10.14 -11.70 6.77
C ALA B 15 10.42 -10.25 7.13
N LYS B 16 11.57 -10.03 7.76
CA LYS B 16 11.93 -8.69 8.24
C LYS B 16 12.30 -7.73 7.13
N LEU B 17 12.92 -8.28 6.11
CA LEU B 17 13.23 -7.57 4.91
C LEU B 17 11.95 -7.23 4.06
N ALA B 18 11.02 -8.19 3.93
CA ALA B 18 9.70 -7.92 3.30
C ALA B 18 8.99 -6.80 4.02
N GLU B 19 9.04 -6.83 5.34
CA GLU B 19 8.41 -5.80 6.12
C GLU B 19 8.97 -4.39 5.82
N GLN B 20 10.31 -4.26 5.81
CA GLN B 20 10.95 -2.97 5.55
C GLN B 20 10.59 -2.53 4.10
N ALA B 21 10.53 -3.49 3.16
CA ALA B 21 10.05 -3.21 1.79
C ALA B 21 8.49 -3.01 1.65
N GLU B 22 7.74 -3.17 2.76
CA GLU B 22 6.27 -3.04 2.70
C GLU B 22 5.65 -4.05 1.74
N ARG B 23 6.20 -5.25 1.72
CA ARG B 23 5.67 -6.34 0.95
C ARG B 23 5.07 -7.37 1.93
N TYR B 24 3.88 -7.07 2.41
CA TYR B 24 3.28 -7.84 3.48
C TYR B 24 2.75 -9.20 3.07
N ASP B 25 2.35 -9.42 1.81
CA ASP B 25 2.11 -10.83 1.37
C ASP B 25 3.38 -11.69 1.50
N ASP B 26 4.54 -11.17 1.10
CA ASP B 26 5.81 -11.94 1.29
C ASP B 26 6.08 -12.10 2.80
N MET B 27 5.79 -11.08 3.61
CA MET B 27 6.10 -11.21 5.03
C MET B 27 5.26 -12.34 5.64
N ALA B 28 3.96 -12.36 5.32
CA ALA B 28 3.01 -13.37 5.81
C ALA B 28 3.39 -14.74 5.32
N ALA B 29 3.75 -14.84 4.04
CA ALA B 29 4.11 -16.17 3.54
C ALA B 29 5.38 -16.72 4.27
N CYS B 30 6.35 -15.86 4.56
CA CYS B 30 7.51 -16.28 5.33
C CYS B 30 7.11 -16.74 6.73
N MET B 31 6.31 -15.93 7.43
CA MET B 31 5.96 -16.26 8.80
C MET B 31 5.01 -17.47 8.85
N LYS B 32 4.22 -17.65 7.80
CA LYS B 32 3.41 -18.86 7.75
C LYS B 32 4.28 -20.16 7.67
N SER B 33 5.34 -20.13 6.86
CA SER B 33 6.30 -21.24 6.77
C SER B 33 7.05 -21.53 8.06
N VAL B 34 7.47 -20.49 8.78
CA VAL B 34 8.04 -20.65 10.11
C VAL B 34 7.07 -21.44 11.04
N THR B 35 5.84 -20.95 11.11
CA THR B 35 4.79 -21.53 11.93
C THR B 35 4.58 -23.01 11.57
N GLU B 36 4.50 -23.30 10.28
CA GLU B 36 4.30 -24.65 9.81
C GLU B 36 5.42 -25.63 10.10
N GLN B 37 6.60 -25.14 10.46
CA GLN B 37 7.67 -26.03 10.95
C GLN B 37 7.38 -26.68 12.32
N GLY B 38 6.32 -26.24 13.00
CA GLY B 38 5.80 -26.91 14.21
C GLY B 38 6.41 -26.54 15.57
N ALA B 39 7.48 -25.77 15.56
CA ALA B 39 8.11 -25.35 16.81
C ALA B 39 7.40 -24.09 17.37
N GLU B 40 7.41 -23.93 18.69
CA GLU B 40 6.85 -22.78 19.35
C GLU B 40 7.54 -21.52 18.84
N LEU B 41 6.74 -20.49 18.53
CA LEU B 41 7.33 -19.22 18.08
C LEU B 41 7.93 -18.47 19.26
N SER B 42 8.99 -17.72 19.01
CA SER B 42 9.45 -16.78 20.00
C SER B 42 8.54 -15.54 19.95
N ASN B 43 8.73 -14.60 20.89
CA ASN B 43 8.07 -13.29 20.86
C ASN B 43 8.26 -12.49 19.56
N GLU B 44 9.50 -12.36 19.10
CA GLU B 44 9.76 -11.68 17.86
C GLU B 44 9.01 -12.35 16.71
N GLU B 45 9.03 -13.68 16.66
CA GLU B 45 8.40 -14.38 15.56
C GLU B 45 6.90 -14.22 15.56
N ARG B 46 6.27 -14.34 16.72
CA ARG B 46 4.81 -14.16 16.77
CA ARG B 46 4.83 -14.18 16.75
C ARG B 46 4.41 -12.72 16.49
N ASN B 47 5.23 -11.75 16.91
CA ASN B 47 4.96 -10.35 16.61
C ASN B 47 5.04 -10.11 15.10
N LEU B 48 6.03 -10.72 14.43
CA LEU B 48 6.16 -10.58 12.98
C LEU B 48 4.98 -11.23 12.25
N LEU B 49 4.55 -12.40 12.73
CA LEU B 49 3.39 -13.09 12.17
C LEU B 49 2.16 -12.19 12.32
N SER B 50 1.98 -11.63 13.51
CA SER B 50 0.84 -10.73 13.81
C SER B 50 0.83 -9.51 12.86
N VAL B 51 1.99 -8.86 12.68
CA VAL B 51 2.08 -7.65 11.86
C VAL B 51 1.84 -7.95 10.40
N ALA B 52 2.48 -9.01 9.89
CA ALA B 52 2.27 -9.44 8.53
C ALA B 52 0.78 -9.65 8.19
N TYR B 53 0.08 -10.48 8.97
CA TYR B 53 -1.30 -10.84 8.65
C TYR B 53 -2.26 -9.71 8.93
N LYS B 54 -2.00 -8.91 9.96
CA LYS B 54 -2.85 -7.78 10.19
C LYS B 54 -2.80 -6.77 9.01
N ASN B 55 -1.64 -6.64 8.36
CA ASN B 55 -1.52 -5.77 7.19
C ASN B 55 -2.26 -6.36 5.99
N VAL B 56 -2.03 -7.65 5.74
CA VAL B 56 -2.70 -8.35 4.65
C VAL B 56 -4.25 -8.25 4.76
N VAL B 57 -4.78 -8.57 5.95
CA VAL B 57 -6.23 -8.52 6.18
C VAL B 57 -6.76 -7.07 6.28
N GLY B 58 -5.98 -6.20 6.90
CA GLY B 58 -6.26 -4.78 6.96
C GLY B 58 -6.53 -4.12 5.62
N ALA B 59 -5.83 -4.55 4.56
CA ALA B 59 -6.00 -3.91 3.24
C ALA B 59 -7.40 -4.23 2.68
N ARG B 60 -7.78 -5.51 2.77
CA ARG B 60 -9.13 -5.93 2.49
C ARG B 60 -10.24 -5.27 3.32
N ARG B 61 -10.08 -5.15 4.64
CA ARG B 61 -11.10 -4.48 5.43
C ARG B 61 -11.26 -3.03 5.01
N SER B 62 -10.14 -2.37 4.76
CA SER B 62 -10.16 -1.00 4.33
C SER B 62 -10.89 -0.83 2.97
N SER B 63 -10.55 -1.69 2.03
CA SER B 63 -11.16 -1.68 0.71
C SER B 63 -12.65 -2.00 0.86
N TRP B 64 -12.96 -2.92 1.76
CA TRP B 64 -14.33 -3.38 2.00
C TRP B 64 -15.18 -2.24 2.50
N ARG B 65 -14.67 -1.44 3.43
CA ARG B 65 -15.48 -0.39 4.00
CA ARG B 65 -15.43 -0.34 4.02
C ARG B 65 -15.74 0.73 2.96
N VAL B 66 -14.79 0.92 2.03
CA VAL B 66 -14.92 1.93 0.97
C VAL B 66 -16.02 1.52 -0.03
N VAL B 67 -15.87 0.33 -0.59
CA VAL B 67 -16.72 -0.18 -1.62
C VAL B 67 -18.16 -0.30 -1.11
N SER B 68 -18.35 -1.08 -0.04
CA SER B 68 -19.61 -1.18 0.69
C SER B 68 -20.27 0.20 0.98
N SER B 69 -19.50 1.19 1.42
CA SER B 69 -20.03 2.55 1.55
C SER B 69 -20.50 3.16 0.23
N ILE B 70 -19.72 2.99 -0.84
CA ILE B 70 -20.12 3.47 -2.17
C ILE B 70 -21.42 2.79 -2.61
N GLU B 71 -21.51 1.48 -2.41
CA GLU B 71 -22.68 0.70 -2.76
C GLU B 71 -23.93 1.19 -2.00
N GLN B 72 -23.77 1.45 -0.70
CA GLN B 72 -24.89 1.89 0.12
C GLN B 72 -25.38 3.29 -0.23
N LYS B 73 -24.54 4.05 -0.93
CA LYS B 73 -24.86 5.44 -1.26
C LYS B 73 -25.47 5.61 -2.66
N THR B 74 -25.59 4.49 -3.40
CA THR B 74 -26.07 4.54 -4.78
C THR B 74 -27.39 3.77 -5.02
N GLU B 75 -28.27 3.76 -4.03
CA GLU B 75 -29.65 3.20 -4.17
C GLU B 75 -29.69 1.70 -4.43
N GLU B 78 -29.14 2.18 -9.26
CA GLU B 78 -29.68 0.84 -9.03
C GLU B 78 -29.11 -0.30 -9.92
N LYS B 79 -28.03 -0.01 -10.65
CA LYS B 79 -27.22 -1.06 -11.32
C LYS B 79 -25.71 -0.77 -11.20
N LYS B 80 -25.39 0.51 -10.99
CA LYS B 80 -24.07 0.89 -10.49
C LYS B 80 -23.90 0.20 -9.12
N GLN B 81 -24.99 0.18 -8.35
CA GLN B 81 -25.11 -0.63 -7.13
C GLN B 81 -24.67 -2.08 -7.29
N GLN B 82 -25.20 -2.74 -8.32
CA GLN B 82 -24.82 -4.14 -8.51
C GLN B 82 -23.30 -4.32 -8.61
N MET B 83 -22.66 -3.48 -9.42
CA MET B 83 -21.22 -3.53 -9.65
C MET B 83 -20.40 -3.46 -8.34
N ALA B 84 -20.75 -2.48 -7.52
CA ALA B 84 -20.21 -2.31 -6.20
C ALA B 84 -20.42 -3.54 -5.32
N ARG B 85 -21.62 -4.13 -5.36
CA ARG B 85 -21.94 -5.35 -4.61
CA ARG B 85 -21.92 -5.35 -4.61
C ARG B 85 -21.03 -6.49 -5.05
N GLU B 86 -20.89 -6.70 -6.35
CA GLU B 86 -20.08 -7.85 -6.78
C GLU B 86 -18.57 -7.65 -6.48
N TYR B 87 -18.15 -6.38 -6.34
CA TYR B 87 -16.76 -6.07 -6.07
C TYR B 87 -16.53 -6.30 -4.59
N ARG B 88 -17.46 -5.80 -3.77
CA ARG B 88 -17.55 -6.13 -2.34
C ARG B 88 -17.37 -7.63 -2.07
N GLU B 89 -18.23 -8.45 -2.67
CA GLU B 89 -18.19 -9.91 -2.51
C GLU B 89 -16.86 -10.49 -2.91
N LYS B 90 -16.26 -9.97 -3.97
CA LYS B 90 -14.95 -10.48 -4.38
C LYS B 90 -13.92 -10.16 -3.27
N ILE B 91 -14.03 -8.97 -2.69
CA ILE B 91 -13.12 -8.56 -1.61
C ILE B 91 -13.32 -9.42 -0.34
N GLU B 92 -14.60 -9.66 -0.01
CA GLU B 92 -15.00 -10.56 1.10
C GLU B 92 -14.41 -11.94 1.00
N THR B 93 -14.42 -12.48 -0.20
CA THR B 93 -13.82 -13.77 -0.39
C THR B 93 -12.31 -13.74 -0.07
N GLU B 94 -11.58 -12.74 -0.57
CA GLU B 94 -10.17 -12.61 -0.24
C GLU B 94 -9.96 -12.57 1.28
N LEU B 95 -10.72 -11.68 1.90
CA LEU B 95 -10.69 -11.41 3.29
C LEU B 95 -10.97 -12.70 4.13
N ARG B 96 -11.97 -13.50 3.71
CA ARG B 96 -12.33 -14.73 4.41
C ARG B 96 -11.26 -15.76 4.24
N ASP B 97 -10.70 -15.85 3.03
CA ASP B 97 -9.59 -16.76 2.81
C ASP B 97 -8.40 -16.43 3.74
N ILE B 98 -8.15 -15.14 3.94
CA ILE B 98 -7.04 -14.72 4.78
C ILE B 98 -7.30 -15.08 6.25
N CYS B 99 -8.51 -14.77 6.72
CA CYS B 99 -8.86 -15.04 8.09
C CYS B 99 -8.84 -16.56 8.33
N ASN B 100 -9.35 -17.33 7.36
CA ASN B 100 -9.37 -18.80 7.51
C ASN B 100 -7.97 -19.37 7.61
N ASP B 101 -7.08 -18.82 6.80
CA ASP B 101 -5.68 -19.21 6.77
CA ASP B 101 -5.68 -19.23 6.78
C ASP B 101 -5.11 -19.02 8.18
N VAL B 102 -5.39 -17.86 8.77
CA VAL B 102 -4.86 -17.56 10.10
C VAL B 102 -5.45 -18.43 11.23
N LEU B 103 -6.76 -18.55 11.23
CA LEU B 103 -7.48 -19.28 12.25
C LEU B 103 -7.01 -20.73 12.25
N SER B 104 -6.67 -21.21 11.08
CA SER B 104 -6.19 -22.56 10.94
C SER B 104 -4.75 -22.68 11.44
N LEU B 105 -3.92 -21.67 11.22
CA LEU B 105 -2.60 -21.69 11.83
C LEU B 105 -2.73 -21.65 13.36
N LEU B 106 -3.66 -20.86 13.89
CA LEU B 106 -3.79 -20.78 15.34
C LEU B 106 -4.14 -22.17 15.89
N GLU B 107 -5.17 -22.81 15.31
CA GLU B 107 -5.71 -24.07 15.83
C GLU B 107 -4.71 -25.18 15.71
N LYS B 108 -4.05 -25.28 14.56
CA LYS B 108 -3.16 -26.38 14.26
C LYS B 108 -1.73 -26.31 14.86
N PHE B 109 -1.18 -25.11 14.97
CA PHE B 109 0.24 -24.97 15.36
C PHE B 109 0.46 -24.13 16.60
N LEU B 110 -0.24 -23.02 16.70
CA LEU B 110 0.13 -21.96 17.63
C LEU B 110 -0.48 -22.12 19.01
N ILE B 111 -1.79 -22.26 19.09
CA ILE B 111 -2.46 -22.42 20.37
C ILE B 111 -2.08 -23.72 21.12
N PRO B 112 -1.95 -24.86 20.40
CA PRO B 112 -1.44 -26.11 21.03
C PRO B 112 -0.04 -26.04 21.63
N ASN B 113 0.90 -25.34 20.97
CA ASN B 113 2.29 -25.27 21.44
C ASN B 113 2.64 -24.16 22.42
N ALA B 114 1.68 -23.31 22.78
CA ALA B 114 2.03 -22.14 23.54
C ALA B 114 2.32 -22.52 24.98
N SER B 115 3.58 -22.39 25.39
CA SER B 115 3.97 -22.86 26.74
C SER B 115 3.88 -21.83 27.87
N GLN B 116 3.65 -20.55 27.53
CA GLN B 116 3.55 -19.50 28.54
C GLN B 116 2.19 -18.80 28.46
N ALA B 117 1.74 -18.22 29.56
CA ALA B 117 0.45 -17.54 29.58
C ALA B 117 0.44 -16.39 28.59
N GLU B 118 1.53 -15.63 28.56
CA GLU B 118 1.68 -14.44 27.71
C GLU B 118 1.37 -14.79 26.25
N SER B 119 1.95 -15.88 25.79
CA SER B 119 1.79 -16.29 24.42
C SER B 119 0.46 -17.02 24.18
N LYS B 120 -0.09 -17.68 25.21
CA LYS B 120 -1.45 -18.24 25.05
C LYS B 120 -2.48 -17.12 24.89
N VAL B 121 -2.39 -16.09 25.73
CA VAL B 121 -3.27 -14.96 25.63
C VAL B 121 -3.15 -14.30 24.21
N PHE B 122 -1.92 -14.16 23.71
CA PHE B 122 -1.63 -13.53 22.42
C PHE B 122 -2.42 -14.25 21.33
N TYR B 123 -2.33 -15.58 21.32
CA TYR B 123 -2.96 -16.37 20.27
C TYR B 123 -4.48 -16.40 20.39
N LEU B 124 -4.99 -16.33 21.61
CA LEU B 124 -6.42 -16.35 21.76
C LEU B 124 -6.97 -14.99 21.36
N LYS B 125 -6.16 -13.94 21.59
CA LYS B 125 -6.53 -12.61 21.15
C LYS B 125 -6.58 -12.57 19.61
N MET B 126 -5.57 -13.13 18.97
CA MET B 126 -5.57 -13.24 17.53
C MET B 126 -6.81 -14.00 17.04
N LYS B 127 -7.16 -15.11 17.73
CA LYS B 127 -8.27 -15.95 17.31
C LYS B 127 -9.53 -15.13 17.40
N GLY B 128 -9.70 -14.45 18.51
CA GLY B 128 -10.80 -13.54 18.73
C GLY B 128 -10.89 -12.49 17.61
N ASP B 129 -9.73 -11.93 17.21
CA ASP B 129 -9.69 -10.80 16.25
C ASP B 129 -10.10 -11.29 14.85
N TYR B 130 -9.57 -12.43 14.44
CA TYR B 130 -9.83 -12.92 13.11
C TYR B 130 -11.29 -13.44 12.98
N TYR B 131 -11.83 -14.06 14.03
CA TYR B 131 -13.28 -14.33 14.04
C TYR B 131 -14.05 -13.06 13.99
N ARG B 132 -13.62 -12.04 14.71
CA ARG B 132 -14.31 -10.77 14.63
C ARG B 132 -14.22 -10.17 13.20
N TYR B 133 -13.13 -10.38 12.46
CA TYR B 133 -13.09 -9.76 11.12
C TYR B 133 -14.08 -10.53 10.23
N LEU B 134 -14.19 -11.83 10.46
CA LEU B 134 -15.14 -12.65 9.72
C LEU B 134 -16.54 -12.16 10.04
N ALA B 135 -16.72 -11.67 11.25
CA ALA B 135 -18.04 -11.20 11.71
C ALA B 135 -18.47 -9.90 11.04
N GLU B 136 -17.51 -9.01 10.74
CA GLU B 136 -17.80 -7.69 10.16
CA GLU B 136 -17.77 -7.70 10.14
C GLU B 136 -18.45 -7.83 8.80
N VAL B 137 -18.29 -9.00 8.22
CA VAL B 137 -18.57 -9.31 6.85
C VAL B 137 -19.53 -10.53 6.71
N ALA B 138 -20.03 -11.06 7.83
CA ALA B 138 -20.98 -12.19 7.81
C ALA B 138 -22.44 -11.71 7.97
N ALA B 139 -23.40 -12.54 7.56
CA ALA B 139 -24.83 -12.17 7.70
C ALA B 139 -25.80 -13.15 8.40
N GLY B 140 -25.61 -14.46 8.21
CA GLY B 140 -26.52 -15.49 8.76
C GLY B 140 -27.18 -15.18 10.10
N ASP B 142 -25.18 -18.27 10.29
CA ASP B 142 -23.76 -18.21 9.98
C ASP B 142 -23.02 -17.19 10.86
N LYS B 143 -23.54 -15.97 10.88
CA LYS B 143 -22.93 -14.90 11.64
C LYS B 143 -22.96 -15.18 13.13
N LYS B 144 -24.13 -15.57 13.64
CA LYS B 144 -24.27 -15.89 15.07
C LYS B 144 -23.20 -16.87 15.52
N GLY B 145 -22.91 -17.90 14.71
CA GLY B 145 -21.85 -18.89 15.04
C GLY B 145 -20.43 -18.30 15.10
N ILE B 146 -20.19 -17.35 14.21
CA ILE B 146 -18.91 -16.67 14.11
C ILE B 146 -18.68 -15.73 15.30
N VAL B 147 -19.64 -14.87 15.60
CA VAL B 147 -19.57 -14.00 16.74
C VAL B 147 -19.26 -14.81 18.02
N ASP B 148 -19.93 -15.95 18.17
CA ASP B 148 -19.77 -16.75 19.39
C ASP B 148 -18.34 -17.30 19.49
N GLN B 149 -17.75 -17.62 18.34
CA GLN B 149 -16.42 -18.15 18.34
C GLN B 149 -15.42 -17.03 18.69
N SER B 150 -15.68 -15.82 18.22
CA SER B 150 -14.84 -14.68 18.59
C SER B 150 -14.96 -14.39 20.10
N GLN B 151 -16.18 -14.33 20.60
CA GLN B 151 -16.43 -14.06 22.02
C GLN B 151 -15.74 -15.05 22.97
N GLN B 152 -15.80 -16.34 22.64
CA GLN B 152 -15.23 -17.40 23.48
C GLN B 152 -13.71 -17.34 23.51
N ALA B 153 -13.12 -16.91 22.40
CA ALA B 153 -11.65 -16.75 22.32
C ALA B 153 -11.20 -15.58 23.16
N TYR B 154 -11.84 -14.44 22.99
CA TYR B 154 -11.49 -13.25 23.76
C TYR B 154 -11.72 -13.44 25.25
N GLN B 155 -12.76 -14.23 25.59
CA GLN B 155 -13.17 -14.48 26.98
C GLN B 155 -12.13 -15.32 27.69
N GLU B 156 -11.72 -16.42 27.06
CA GLU B 156 -10.70 -17.24 27.62
C GLU B 156 -9.40 -16.44 27.72
N ALA B 157 -9.10 -15.65 26.66
CA ALA B 157 -7.93 -14.78 26.68
C ALA B 157 -8.00 -13.84 27.87
N PHE B 158 -9.18 -13.31 28.10
CA PHE B 158 -9.35 -12.29 29.12
C PHE B 158 -9.22 -12.90 30.55
N GLU B 159 -9.68 -14.14 30.72
CA GLU B 159 -9.61 -14.83 32.01
CA GLU B 159 -9.61 -14.82 32.02
C GLU B 159 -8.16 -15.16 32.36
N ILE B 160 -7.45 -15.80 31.42
CA ILE B 160 -6.03 -16.10 31.59
C ILE B 160 -5.20 -14.85 31.92
N SER B 161 -5.47 -13.74 31.23
CA SER B 161 -4.63 -12.57 31.43
C SER B 161 -4.90 -11.91 32.75
N LYS B 162 -6.16 -11.93 33.18
CA LYS B 162 -6.52 -11.39 34.48
C LYS B 162 -5.75 -12.15 35.57
N LYS B 163 -5.66 -13.46 35.46
CA LYS B 163 -4.94 -14.26 36.46
C LYS B 163 -3.40 -14.22 36.31
N GLU B 164 -2.89 -14.16 35.08
CA GLU B 164 -1.45 -14.34 34.90
C GLU B 164 -0.64 -13.12 34.59
N MET B 165 -1.25 -11.99 34.26
CA MET B 165 -0.45 -10.86 33.75
C MET B 165 -0.73 -9.59 34.50
N GLN B 166 0.28 -8.74 34.58
CA GLN B 166 0.16 -7.38 35.13
C GLN B 166 -0.80 -6.55 34.28
N PRO B 167 -1.54 -5.61 34.92
CA PRO B 167 -2.48 -4.76 34.21
C PRO B 167 -1.82 -3.83 33.22
N THR B 168 -0.52 -3.63 33.35
CA THR B 168 0.13 -2.78 32.37
C THR B 168 0.73 -3.59 31.24
N HIS B 169 0.60 -4.91 31.24
CA HIS B 169 1.22 -5.66 30.15
C HIS B 169 0.56 -5.32 28.79
N PRO B 170 1.36 -5.02 27.75
CA PRO B 170 0.78 -4.58 26.47
C PRO B 170 -0.23 -5.58 25.91
N ILE B 171 0.04 -6.86 26.07
CA ILE B 171 -0.87 -7.90 25.55
C ILE B 171 -2.22 -7.89 26.27
N ARG B 172 -2.19 -7.86 27.59
CA ARG B 172 -3.37 -7.75 28.38
C ARG B 172 -4.18 -6.48 28.02
N LEU B 173 -3.51 -5.34 27.91
CA LEU B 173 -4.16 -4.07 27.53
C LEU B 173 -4.77 -4.13 26.12
N GLY B 174 -4.01 -4.70 25.18
CA GLY B 174 -4.46 -4.77 23.80
C GLY B 174 -5.63 -5.72 23.66
N LEU B 175 -5.61 -6.77 24.47
CA LEU B 175 -6.72 -7.67 24.47
C LEU B 175 -7.98 -6.93 24.94
N ALA B 176 -7.84 -6.14 25.98
CA ALA B 176 -8.95 -5.34 26.52
C ALA B 176 -9.44 -4.36 25.48
N LEU B 177 -8.51 -3.77 24.73
CA LEU B 177 -8.87 -2.83 23.66
C LEU B 177 -9.71 -3.53 22.59
N ASN B 178 -9.27 -4.69 22.09
CA ASN B 178 -10.01 -5.28 21.03
C ASN B 178 -11.34 -5.92 21.51
N PHE B 179 -11.37 -6.48 22.73
CA PHE B 179 -12.54 -7.14 23.28
C PHE B 179 -13.59 -6.04 23.44
N SER B 180 -13.17 -4.90 23.98
CA SER B 180 -14.01 -3.74 24.10
C SER B 180 -14.68 -3.38 22.79
N VAL B 181 -13.88 -3.23 21.73
CA VAL B 181 -14.39 -2.89 20.40
C VAL B 181 -15.40 -3.99 19.94
N PHE B 182 -15.14 -5.25 20.32
CA PHE B 182 -15.98 -6.35 19.88
C PHE B 182 -17.37 -6.16 20.48
N TYR B 183 -17.43 -5.77 21.76
CA TYR B 183 -18.68 -5.53 22.48
C TYR B 183 -19.43 -4.39 21.81
N TYR B 184 -18.68 -3.38 21.40
CA TYR B 184 -19.29 -2.19 20.87
C TYR B 184 -19.87 -2.38 19.47
N GLU B 185 -19.07 -2.92 18.55
CA GLU B 185 -19.38 -2.92 17.12
CA GLU B 185 -19.44 -2.86 17.14
C GLU B 185 -20.04 -4.18 16.69
N ILE B 186 -19.80 -5.24 17.43
CA ILE B 186 -20.25 -6.54 16.97
C ILE B 186 -21.49 -6.98 17.77
N LEU B 187 -21.47 -6.74 19.08
CA LEU B 187 -22.57 -7.12 19.96
C LEU B 187 -23.50 -5.94 20.22
N ASN B 188 -23.11 -4.78 19.72
CA ASN B 188 -23.87 -3.54 19.90
CA ASN B 188 -23.88 -3.55 19.90
C ASN B 188 -24.21 -3.28 21.36
N SER B 189 -23.25 -3.48 22.24
CA SER B 189 -23.41 -3.09 23.67
C SER B 189 -22.41 -2.05 24.11
N PRO B 190 -22.76 -0.77 23.91
CA PRO B 190 -21.89 0.33 24.30
C PRO B 190 -21.46 0.30 25.76
N GLU B 191 -22.35 -0.12 26.66
CA GLU B 191 -22.04 0.02 28.08
C GLU B 191 -20.99 -0.98 28.53
N LYS B 192 -21.09 -2.20 28.04
CA LYS B 192 -20.16 -3.24 28.33
C LYS B 192 -18.82 -2.97 27.66
N ALA B 193 -18.84 -2.26 26.52
CA ALA B 193 -17.60 -1.92 25.84
C ALA B 193 -16.90 -0.85 26.67
N CYS B 194 -17.67 0.07 27.23
CA CYS B 194 -17.08 1.16 28.03
C CYS B 194 -16.56 0.66 29.35
N SER B 195 -17.23 -0.35 29.90
CA SER B 195 -16.86 -0.82 31.22
C SER B 195 -15.55 -1.65 31.13
N LEU B 196 -15.47 -2.50 30.11
CA LEU B 196 -14.25 -3.26 29.83
C LEU B 196 -13.08 -2.27 29.62
N ALA B 197 -13.31 -1.24 28.81
CA ALA B 197 -12.26 -0.26 28.50
C ALA B 197 -11.87 0.56 29.71
N LYS B 198 -12.86 1.05 30.46
CA LYS B 198 -12.59 1.86 31.65
CA LYS B 198 -12.60 1.86 31.65
C LYS B 198 -11.80 1.10 32.72
N THR B 199 -12.20 -0.12 33.01
CA THR B 199 -11.51 -0.93 34.02
C THR B 199 -10.05 -1.17 33.58
N ALA B 200 -9.84 -1.55 32.32
CA ALA B 200 -8.47 -1.82 31.86
C ALA B 200 -7.56 -0.58 31.95
N PHE B 201 -8.08 0.59 31.61
CA PHE B 201 -7.29 1.83 31.75
C PHE B 201 -6.95 2.15 33.21
N ASP B 202 -7.97 2.12 34.08
CA ASP B 202 -7.83 2.52 35.48
C ASP B 202 -6.89 1.60 36.25
N GLU B 203 -7.01 0.31 36.02
CA GLU B 203 -6.10 -0.64 36.64
C GLU B 203 -4.63 -0.43 36.22
N ALA B 204 -4.37 0.02 34.99
CA ALA B 204 -3.00 0.29 34.51
C ALA B 204 -2.45 1.57 35.11
N ILE B 205 -3.28 2.62 35.15
CA ILE B 205 -2.93 3.90 35.77
C ILE B 205 -2.55 3.76 37.26
N ALA B 206 -3.23 2.86 37.96
CA ALA B 206 -2.93 2.61 39.37
C ALA B 206 -1.64 1.80 39.56
N GLU B 207 -1.09 1.23 38.49
CA GLU B 207 0.10 0.39 38.68
C GLU B 207 1.21 0.69 37.70
N LEU B 208 1.53 1.98 37.54
CA LEU B 208 2.54 2.40 36.55
C LEU B 208 3.98 2.03 36.91
N ASP B 209 4.21 1.63 38.15
CA ASP B 209 5.51 1.11 38.59
C ASP B 209 5.86 -0.23 37.92
N THR B 210 4.85 -0.95 37.42
CA THR B 210 5.05 -2.29 36.81
C THR B 210 5.42 -2.23 35.32
N LEU B 211 5.67 -1.03 34.82
CA LEU B 211 6.16 -0.82 33.47
C LEU B 211 7.62 -1.15 33.45
N SER B 212 8.04 -1.93 32.46
CA SER B 212 9.45 -2.11 32.17
C SER B 212 9.89 -1.10 31.09
N GLU B 213 11.19 -0.78 31.08
CA GLU B 213 11.77 0.04 30.01
C GLU B 213 11.53 -0.57 28.61
N GLU B 214 11.46 -1.90 28.57
CA GLU B 214 11.22 -2.65 27.33
C GLU B 214 9.77 -2.52 26.84
N SER B 215 8.83 -2.33 27.77
CA SER B 215 7.39 -2.45 27.51
C SER B 215 6.61 -1.13 27.51
N TYR B 216 7.07 -0.18 28.35
CA TYR B 216 6.30 1.04 28.63
C TYR B 216 5.75 1.78 27.42
N LYS B 217 6.48 1.81 26.30
CA LYS B 217 5.99 2.55 25.14
C LYS B 217 4.74 1.91 24.56
N ASP B 218 4.77 0.59 24.38
CA ASP B 218 3.60 -0.18 23.89
C ASP B 218 2.39 0.03 24.84
N SER B 219 2.64 -0.13 26.15
CA SER B 219 1.63 -0.04 27.18
C SER B 219 0.93 1.26 27.14
N THR B 220 1.70 2.33 27.25
CA THR B 220 1.12 3.66 27.24
C THR B 220 0.42 4.00 25.96
N LEU B 221 0.84 3.40 24.84
CA LEU B 221 0.16 3.68 23.59
C LEU B 221 -1.25 3.08 23.64
N ILE B 222 -1.37 1.82 24.04
CA ILE B 222 -2.66 1.18 24.11
C ILE B 222 -3.61 1.86 25.16
N MET B 223 -3.04 2.31 26.28
CA MET B 223 -3.75 3.13 27.29
C MET B 223 -4.40 4.33 26.65
N GLN B 224 -3.63 5.04 25.84
CA GLN B 224 -4.20 6.18 25.14
C GLN B 224 -5.35 5.79 24.22
N LEU B 225 -5.18 4.71 23.48
CA LEU B 225 -6.24 4.23 22.60
C LEU B 225 -7.52 3.79 23.37
N LEU B 226 -7.33 3.21 24.56
CA LEU B 226 -8.44 2.75 25.38
C LEU B 226 -9.25 3.98 25.83
N ARG B 227 -8.55 4.98 26.30
CA ARG B 227 -9.22 6.18 26.69
C ARG B 227 -9.86 6.88 25.49
N ASP B 228 -9.14 7.03 24.36
CA ASP B 228 -9.70 7.65 23.15
C ASP B 228 -11.03 7.04 22.76
N ASN B 229 -11.14 5.70 22.88
CA ASN B 229 -12.38 4.99 22.54
C ASN B 229 -13.50 5.32 23.53
N LEU B 230 -13.12 5.36 24.81
CA LEU B 230 -14.02 5.71 25.89
C LEU B 230 -14.55 7.13 25.65
N THR B 231 -13.66 8.10 25.45
CA THR B 231 -14.08 9.45 24.99
C THR B 231 -15.07 9.40 23.82
N LEU B 232 -14.73 8.68 22.76
CA LEU B 232 -15.59 8.61 21.59
C LEU B 232 -16.96 8.03 21.94
N TRP B 233 -16.98 7.05 22.83
CA TRP B 233 -18.19 6.31 23.05
C TRP B 233 -19.16 6.98 24.05
N THR B 234 -18.64 7.94 24.84
CA THR B 234 -19.41 8.62 25.85
C THR B 234 -19.73 10.06 25.43
N SER B 235 -18.75 10.69 24.78
CA SER B 235 -18.84 12.07 24.31
C SER B 235 -19.11 12.05 22.80
N HIS C 2 -13.28 5.71 13.39
CA HIS C 2 -12.88 6.61 14.53
C HIS C 2 -12.43 5.80 15.78
N ARG C 3 -13.15 4.72 16.10
CA ARG C 3 -12.75 3.78 17.19
C ARG C 3 -11.47 2.98 16.85
N TYR C 4 -10.53 2.91 17.79
CA TYR C 4 -9.26 2.23 17.56
C TYR C 4 -9.27 0.80 18.06
N SEP C 5 -8.83 -0.14 17.21
CA SEP C 5 -8.40 -1.43 17.75
CB SEP C 5 -8.84 -2.59 16.86
OG SEP C 5 -8.47 -2.28 15.55
C SEP C 5 -6.86 -1.35 17.85
O SEP C 5 -6.27 -0.30 17.55
P SEP C 5 -8.87 -3.48 14.60
O1P SEP C 5 -8.39 -4.92 15.03
O2P SEP C 5 -10.47 -3.40 14.39
O3P SEP C 5 -8.19 -3.23 13.18
N THR C 6 -6.21 -2.39 18.31
CA THR C 6 -4.76 -2.33 18.52
CA THR C 6 -4.78 -2.25 18.54
C THR C 6 -4.08 -2.04 17.18
N PRO C 7 -3.09 -1.13 17.16
CA PRO C 7 -2.50 -0.81 15.86
C PRO C 7 -1.63 -1.93 15.29
N HIS C 8 -1.34 -1.78 14.00
CA HIS C 8 -0.25 -2.36 13.24
C HIS C 8 1.01 -1.51 13.50
N ALA C 9 2.20 -2.08 13.28
CA ALA C 9 3.47 -1.34 13.37
C ALA C 9 4.62 -2.23 13.79
N GLN C 27 16.47 14.88 0.73
CA GLN C 27 15.73 15.15 -0.50
C GLN C 27 16.25 14.35 -1.70
N ARG C 28 15.31 13.97 -2.56
CA ARG C 28 15.63 13.40 -3.87
C ARG C 28 14.88 14.21 -4.95
N SER C 29 15.21 13.94 -6.22
CA SER C 29 14.51 14.60 -7.33
C SER C 29 13.03 14.20 -7.33
N THR C 30 12.17 15.19 -7.55
CA THR C 30 10.75 14.95 -7.79
C THR C 30 10.41 14.84 -9.31
N SEP C 31 9.90 13.69 -9.75
CA SEP C 31 9.22 13.57 -11.07
CB SEP C 31 9.41 12.16 -11.65
OG SEP C 31 8.97 11.23 -10.70
C SEP C 31 7.70 13.89 -10.93
O SEP C 31 7.23 14.21 -9.81
P SEP C 31 9.17 9.72 -11.10
O1P SEP C 31 10.77 9.34 -10.99
O2P SEP C 31 8.59 9.41 -12.55
O3P SEP C 31 8.35 8.91 -10.00
N THR C 32 6.94 13.78 -12.02
CA THR C 32 5.51 14.12 -12.00
CA THR C 32 5.51 14.12 -12.01
C THR C 32 4.78 13.21 -11.02
N PRO C 33 3.94 13.80 -10.14
CA PRO C 33 3.35 13.02 -9.06
C PRO C 33 2.19 12.14 -9.55
N ASN C 34 1.49 11.47 -8.64
CA ASN C 34 0.40 10.59 -9.03
C ASN C 34 -0.98 10.74 -8.37
N VAL C 35 -1.45 11.96 -8.12
CA VAL C 35 -2.77 12.16 -7.46
C VAL C 35 -2.88 11.35 -6.16
K K D . 4.11 8.06 -15.70
CBP 1F5 E . -6.01 16.79 -9.07
OBQ 1F5 E . -6.46 16.04 -7.91
CBO 1F5 E . -7.40 16.23 -9.01
CBM 1F5 E . -7.67 14.95 -9.86
CBN 1F5 E . -8.39 13.92 -8.99
OBJ 1F5 E . -6.47 14.35 -10.39
CBG 1F5 E . -6.67 14.41 -11.86
CBA 1F5 E . -5.79 13.42 -12.59
OAZ 1F5 E . -5.83 13.59 -14.03
CBB 1F5 E . -6.19 11.98 -12.20
OBC 1F5 E . -7.24 11.52 -13.05
CBD 1F5 E . -7.22 10.10 -13.19
OBH 1F5 E . -8.05 14.18 -12.04
CBI 1F5 E . -8.44 15.27 -11.15
OBL 1F5 E . -7.80 16.41 -11.79
CBF 1F5 E . -6.59 15.82 -12.37
CBE 1F5 E . -6.69 15.87 -13.86
OBK 1F5 E . -6.52 17.24 -14.17
CAY 1F5 E . -5.63 14.95 -14.49
OAX 1F5 E . -4.27 15.40 -14.10
CAW 1F5 E . -3.19 14.75 -14.80
CAB 1F5 E . -2.42 15.90 -15.52
OAA 1F5 E . -3.35 16.82 -16.10
CAC 1F5 E . -1.39 15.46 -16.56
CAD 1F5 E . -1.95 14.51 -17.62
CAV 1F5 E . -2.35 14.09 -13.84
CAQ 1F5 E . -1.82 14.57 -12.67
CAR 1F5 E . -2.05 15.96 -12.03
CAT 1F5 E . -0.71 16.73 -11.99
CAS 1F5 E . -2.65 15.86 -10.58
CAP 1F5 E . -1.01 13.60 -12.03
CAO 1F5 E . -1.42 12.29 -12.72
CAN 1F5 E . -1.85 12.74 -14.08
CAU 1F5 E . -2.93 11.69 -14.48
CAM 1F5 E . -0.72 12.62 -15.01
CAL 1F5 E . 0.05 13.46 -15.78
CAE 1F5 E . -0.09 14.92 -15.83
CAF 1F5 E . 1.11 15.52 -16.63
CAG 1F5 E . 1.61 14.33 -17.47
CAH 1F5 E . 1.22 13.12 -16.57
OBR 1F5 E . 2.32 12.87 -15.71
CAI 1F5 E . 1.01 11.87 -17.40
OAJ 1F5 E . 2.24 11.50 -18.04
CAK 1F5 E . 2.07 10.61 -19.13
K K F . -4.53 -8.65 15.43
CBP 1F5 G . 7.36 0.13 18.38
OBQ 1F5 G . 7.86 0.51 17.08
CBO 1F5 G . 8.65 -0.40 17.83
CBM 1F5 G . 8.63 -1.79 17.20
CBN 1F5 G . 9.28 -1.73 15.80
OBJ 1F5 G . 7.30 -2.36 17.10
CBG 1F5 G . 7.38 -3.58 17.88
CBA 1F5 G . 6.32 -4.62 17.42
OAZ 1F5 G . 6.28 -5.80 18.33
CBB 1F5 G . 6.61 -5.03 15.96
OBC 1F5 G . 7.10 -6.37 15.93
CBD 1F5 G . 7.51 -6.76 14.62
OBH 1F5 G . 8.74 -3.98 17.70
CBI 1F5 G . 9.30 -2.75 18.15
OBL 1F5 G . 8.67 -2.60 19.48
CBF 1F5 G . 7.39 -3.31 19.39
CBE 1F5 G . 7.43 -4.63 20.15
OBK 1F5 G . 7.39 -4.34 21.54
CAY 1F5 G . 6.21 -5.48 19.74
OAX 1F5 G . 4.96 -4.75 20.05
CAW 1F5 G . 3.71 -5.47 20.03
CAB 1F5 G . 3.09 -5.29 21.44
OAA 1F5 G . 4.14 -5.33 22.43
CAC 1F5 G . 1.97 -6.26 21.75
CAD 1F5 G . 2.40 -7.75 21.51
CAV 1F5 G . 2.83 -4.92 19.02
CAQ 1F5 G . 2.49 -3.63 18.75
CAR 1F5 G . 3.00 -2.41 19.54
CAT 1F5 G . 1.84 -1.73 20.29
CAS 1F5 G . 3.67 -1.38 18.58
CAP 1F5 G . 1.57 -3.50 17.66
CAO 1F5 G . 1.72 -4.81 16.95
CAN 1F5 G . 2.17 -5.76 18.10
CAU 1F5 G . 3.12 -6.80 17.51
CAM 1F5 G . 1.01 -6.45 18.56
CAL 1F5 G . 0.31 -6.51 19.72
CAE 1F5 G . 0.65 -5.79 20.91
CAF 1F5 G . -0.56 -5.91 21.84
CAG 1F5 G . -1.23 -7.19 21.40
CAH 1F5 G . -0.93 -7.20 19.93
OBR 1F5 G . -2.01 -6.50 19.29
CAI 1F5 G . -0.94 -8.64 19.41
OAJ 1F5 G . -2.24 -9.19 19.65
CAK 1F5 G . -2.30 -10.43 18.96
#